data_2LWM
#
_entry.id   2LWM
#
loop_
_entity.id
_entity.type
_entity.pdbx_description
1 polymer "DNA (5'-D(*CP*GP*TP*AP*C*(LWM)P*CP*AP*TP*GP*C)-3')"
2 polymer "DNA (5'-D(*GP*CP*AP*TP*GP*CP*GP*TP*AP*CP*G)-3')"
#
loop_
_entity_poly.entity_id
_entity_poly.type
_entity_poly.pdbx_seq_one_letter_code
_entity_poly.pdbx_strand_id
1 'polydeoxyribonucleotide' (DC)(DG)(DT)(DA)(DC)(LWM)(DC)(DA)(DT)(DG)(DC) B
2 'polydeoxyribonucleotide' (DG)(DC)(DA)(DT)(DG)(DC)(DG)(DT)(DA)(DC)(DG) D
#
loop_
_chem_comp.id
_chem_comp.type
_chem_comp.name
_chem_comp.formula
DA DNA linking 2'-DEOXYADENOSINE-5'-MONOPHOSPHATE 'C10 H14 N5 O6 P'
DC DNA linking 2'-DEOXYCYTIDINE-5'-MONOPHOSPHATE 'C9 H14 N3 O7 P'
DG DNA linking 2'-DEOXYGUANOSINE-5'-MONOPHOSPHATE 'C10 H14 N5 O7 P'
DT DNA linking THYMIDINE-5'-MONOPHOSPHATE 'C10 H15 N2 O8 P'
LWM DNA linking '[(1R,2S,4R)-4-{[2-amino-5-(formylamino)-6-oxo-1,6-dihydropyrimidin-4-yl]amino}-2-hydroxycyclopentyl]methyl dihydrogen phosphate' 'C11 H18 N5 O7 P'
#
# COMPACT_ATOMS: atom_id res chain seq x y z
P1 LWM A 6 -2.58 1.39 -4.06
N1 LWM A 6 3.01 -2.23 2.28
C1 LWM A 6 1.98 -1.46 2.75
N2 LWM A 6 1.80 -1.39 4.07
N3 LWM A 6 1.16 -0.78 1.97
C2 LWM A 6 1.43 -0.92 0.65
C3 LWM A 6 2.44 -1.68 0.07
C4 LWM A 6 3.32 -2.40 0.95
O1 LWM A 6 4.27 -3.13 0.66
N4 LWM A 6 2.49 -1.65 -1.26
C5 LWM A 6 3.53 -1.20 -1.94
O2 LWM A 6 4.53 -0.75 -1.38
N5 LWM A 6 0.58 -0.24 -0.11
C1' LWM A 6 -0.52 0.59 0.46
C2' LWM A 6 -0.59 1.99 -0.14
OP2 LWM A 6 -1.23 1.77 -4.51
C3' LWM A 6 -2.06 2.37 -0.30
O3' LWM A 6 -2.60 3.28 0.68
C4' LWM A 6 -2.85 1.04 -0.27
C5' LWM A 6 -3.47 0.70 -1.62
O5' LWM A 6 -2.44 0.68 -2.62
C6' LWM A 6 -1.87 -0.05 0.17
HN1 LWM A 6 3.62 -2.72 2.92
HN7 LWM A 6 1.67 -2.02 -1.79
HN9 LWM A 6 3.49 -1.20 -3.03
H5 LWM A 6 0.68 -0.26 -1.14
H2' LWM A 6 -0.10 1.99 -1.11
H5' LWM A 6 -3.93 -0.29 -1.57
H6' LWM A 6 -1.75 -0.80 -0.61
H1' LWM A 6 -0.41 0.67 1.53
H2'' LWM A 6 -0.08 2.69 0.51
HN2A LWM A 6 2.36 -1.93 4.71
H3' LWM A 6 1.09 -0.75 4.40
H3 LWM A 6 -2.18 2.84 -1.27
H4' LWM A 6 -3.65 1.12 0.48
H5'' LWM A 6 -4.24 1.43 -1.86
H6'' LWM A 6 -2.24 -0.53 1.06
OP1 LWM A 6 -3.65 2.41 -4.00
P1 LWM A 6 -3.43 0.61 -3.31
N1 LWM A 6 2.90 -2.19 2.84
C1 LWM A 6 1.85 -1.42 3.27
N2 LWM A 6 1.62 -1.35 4.59
N3 LWM A 6 1.07 -0.75 2.46
C2 LWM A 6 1.39 -0.88 1.15
C3 LWM A 6 2.43 -1.62 0.62
C4 LWM A 6 3.27 -2.35 1.53
O1 LWM A 6 4.23 -3.08 1.27
N4 LWM A 6 2.54 -1.58 -0.72
C5 LWM A 6 3.62 -1.13 -1.35
O2 LWM A 6 4.60 -0.71 -0.74
N5 LWM A 6 0.60 -0.19 0.33
C1' LWM A 6 -0.53 0.64 0.80
C2' LWM A 6 -0.75 1.82 -0.13
OP2 LWM A 6 -3.64 2.07 -3.21
C3' LWM A 6 -2.20 2.23 0.01
O3' LWM A 6 -2.24 3.37 0.88
C4' LWM A 6 -2.95 0.94 0.45
C5' LWM A 6 -3.83 0.39 -0.68
O5' LWM A 6 -3.06 0.05 -1.84
C6' LWM A 6 -1.86 -0.09 0.79
HN1 LWM A 6 3.48 -2.68 3.51
HN7 LWM A 6 1.75 -1.93 -1.29
HN9 LWM A 6 3.63 -1.12 -2.43
H5 LWM A 6 0.77 -0.23 -0.69
H2' LWM A 6 -0.54 1.52 -1.15
H5' LWM A 6 -4.31 -0.52 -0.32
H6' LWM A 6 -1.82 -0.89 0.05
H1' LWM A 6 -0.38 1.00 1.83
H2'' LWM A 6 -0.10 2.65 0.14
HN2A LWM A 6 2.15 -1.91 5.23
H3' LWM A 6 0.89 -0.72 4.89
H3 LWM A 6 -2.54 2.54 -0.97
H4' LWM A 6 -3.56 1.15 1.31
H5'' LWM A 6 -4.61 1.12 -0.92
H6'' LWM A 6 -2.07 -0.50 1.77
OP1 LWM A 6 -4.50 -0.25 -3.86
P1 LWM A 6 -2.19 1.45 -4.12
N1 LWM A 6 2.86 -2.06 2.43
C1 LWM A 6 1.83 -1.28 2.91
N2 LWM A 6 1.64 -1.22 4.22
N3 LWM A 6 1.05 -0.58 2.11
C2 LWM A 6 1.34 -0.69 0.79
C3 LWM A 6 2.35 -1.44 0.22
C4 LWM A 6 3.19 -2.20 1.11
O1 LWM A 6 4.14 -2.94 0.82
N4 LWM A 6 2.43 -1.38 -1.11
C5 LWM A 6 3.55 -1.12 -1.78
O2 LWM A 6 4.61 -0.91 -1.21
N5 LWM A 6 0.53 0.03 0.03
C1' LWM A 6 -0.57 0.86 0.59
C2' LWM A 6 -0.68 2.23 -0.06
OP2 LWM A 6 -0.83 1.73 -4.64
C3' LWM A 6 -2.17 2.60 -0.09
O3' LWM A 6 -2.70 3.31 1.04
C4' LWM A 6 -2.87 1.24 -0.25
C5' LWM A 6 -3.21 0.95 -1.71
O5' LWM A 6 -2.06 1.08 -2.55
C6' LWM A 6 -1.92 0.20 0.35
HN1 LWM A 6 3.44 -2.58 3.07
HN7 LWM A 6 1.57 -1.54 -1.67
HN9 LWM A 6 3.51 -1.08 -2.87
H5 LWM A 6 0.64 0.05 -1.00
H2' LWM A 6 -0.29 2.18 -1.07
H5' LWM A 6 -3.59 -0.08 -1.78
H6' LWM A 6 -1.79 -0.63 -0.34
H1' LWM A 6 -0.42 0.99 1.67
H2'' LWM A 6 -0.09 2.95 0.50
HN2A LWM A 6 2.18 -1.82 4.84
H3' LWM A 6 0.94 -0.58 4.56
H3 LWM A 6 -2.36 3.23 -0.97
H4' LWM A 6 -3.79 1.26 0.33
H5'' LWM A 6 -3.99 1.63 -2.04
H6'' LWM A 6 -2.31 -0.17 1.29
OP1 LWM A 6 -3.26 2.46 -4.28
P1 LWM A 6 -2.15 1.39 -4.36
N1 LWM A 6 3.18 -2.48 2.10
C1 LWM A 6 2.18 -1.68 2.57
N2 LWM A 6 1.98 -1.64 3.89
N3 LWM A 6 1.39 -0.96 1.79
C2 LWM A 6 1.67 -1.08 0.47
C3 LWM A 6 2.66 -1.86 -0.11
C4 LWM A 6 3.50 -2.63 0.77
O1 LWM A 6 4.43 -3.38 0.47
N4 LWM A 6 2.72 -1.80 -1.44
C5 LWM A 6 3.81 -1.43 -2.10
O2 LWM A 6 4.86 -1.12 -1.52
N5 LWM A 6 0.87 -0.34 -0.29
C1' LWM A 6 -0.21 0.51 0.29
C2' LWM A 6 -0.19 1.94 -0.24
OP2 LWM A 6 -0.81 1.66 -4.92
C3' LWM A 6 -1.63 2.41 -0.37
O3' LWM A 6 -2.14 3.30 0.65
C4' LWM A 6 -2.48 1.13 -0.46
C5' LWM A 6 -3.02 0.90 -1.87
O5' LWM A 6 -1.96 0.94 -2.83
C6' LWM A 6 -1.58 -0.04 -0.04
HN1 LWM A 6 3.76 -3.00 2.74
HN7 LWM A 6 1.89 -2.05 -1.98
HN9 LWM A 6 3.79 -1.40 -3.19
H5 LWM A 6 0.97 -0.35 -1.31
H2' LWM A 6 0.31 1.94 -1.21
H5' LWM A 6 -3.52 -0.06 -1.91
H6' LWM A 6 -1.50 -0.78 -0.85
H1' LWM A 6 -0.11 0.54 1.38
H2'' LWM A 6 0.38 2.57 0.43
HN2A LWM A 6 2.51 -2.21 4.52
H3' LWM A 6 1.28 -0.99 4.23
H3 LWM A 6 -1.70 2.94 -1.33
H4' LWM A 6 -3.31 1.22 0.24
H5'' LWM A 6 -3.76 1.68 -2.09
H6'' LWM A 6 -2.00 -0.52 0.83
OP1 LWM A 6 -3.20 2.44 -4.40
P1 LWM A 6 -2.47 1.61 -3.71
N1 LWM A 6 2.66 -1.95 2.67
C1 LWM A 6 1.63 -1.17 3.14
N2 LWM A 6 1.44 -1.12 4.45
N3 LWM A 6 0.86 -0.46 2.34
C2 LWM A 6 1.14 -0.56 1.03
C3 LWM A 6 2.16 -1.33 0.45
C4 LWM A 6 2.99 -2.10 1.33
O1 LWM A 6 3.93 -2.84 1.06
N4 LWM A 6 2.24 -1.26 -0.88
C5 LWM A 6 3.35 -0.98 -1.53
O2 LWM A 6 4.42 -0.76 -0.95
N5 LWM A 6 0.35 0.17 0.26
C1' LWM A 6 -0.74 1.00 0.83
C2' LWM A 6 -0.88 2.35 0.15
OP2 LWM A 6 -1.09 1.96 -4.15
C3' LWM A 6 -2.36 2.72 0.15
O3' LWM A 6 -2.85 3.51 1.26
C4' LWM A 6 -3.09 1.37 0.11
C5' LWM A 6 -3.52 1.03 -1.31
O5' LWM A 6 -2.39 1.08 -2.20
C6' LWM A 6 -2.10 0.33 0.65
HN1 LWM A 6 3.23 -2.48 3.30
HN7 LWM A 6 1.39 -1.43 -1.44
HN9 LWM A 6 3.33 -0.94 -2.62
H5 LWM A 6 0.46 0.18 -0.77
H2' LWM A 6 -0.52 2.28 -0.87
H5' LWM A 6 -3.95 0.03 -1.33
H6' LWM A 6 -2.00 -0.50 -0.05
H1' LWM A 6 -0.57 1.17 1.89
H2'' LWM A 6 -0.26 3.09 0.67
HN2A LWM A 6 1.96 -1.72 5.08
H3' LWM A 6 0.75 -0.47 4.79
H3 LWM A 6 -2.59 3.30 -0.75
H4' LWM A 6 -3.97 1.41 0.75
H5'' LWM A 6 -4.27 1.74 -1.64
H6'' LWM A 6 -2.45 -0.05 1.60
OP1 LWM A 6 -3.55 2.61 -3.81
P1 LWM A 6 -2.66 1.53 -3.79
N1 LWM A 6 2.87 -2.05 2.60
C1 LWM A 6 1.84 -1.29 3.07
N2 LWM A 6 1.64 -1.22 4.38
N3 LWM A 6 1.03 -0.60 2.27
C2 LWM A 6 1.33 -0.71 0.95
C3 LWM A 6 2.35 -1.46 0.39
C4 LWM A 6 3.20 -2.19 1.27
O1 LWM A 6 4.15 -2.92 0.99
N4 LWM A 6 2.43 -1.42 -0.94
C5 LWM A 6 3.51 -1.03 -1.60
O2 LWM A 6 4.54 -0.67 -1.02
N5 LWM A 6 0.48 0.00 0.19
C1' LWM A 6 -0.63 0.80 0.77
C2' LWM A 6 -0.81 2.21 0.19
OP2 LWM A 6 -1.34 2.02 -4.27
C3' LWM A 6 -2.32 2.49 0.07
O3' LWM A 6 -2.93 3.27 1.12
C4' LWM A 6 -2.99 1.10 0.04
C5' LWM A 6 -3.53 0.77 -1.35
O5' LWM A 6 -2.47 0.91 -2.31
C6' LWM A 6 -1.94 0.09 0.49
HN1 LWM A 6 3.46 -2.56 3.24
HN7 LWM A 6 1.61 -1.71 -1.50
HN9 LWM A 6 3.51 -1.03 -2.69
H5 LWM A 6 0.60 0.01 -0.84
H2' LWM A 6 -0.31 2.30 -0.79
H5' LWM A 6 -3.93 -0.24 -1.39
H6' LWM A 6 -1.76 -0.67 -0.28
H1' LWM A 6 -0.50 0.93 1.85
H2'' LWM A 6 -0.35 2.95 0.85
HN2A LWM A 6 2.18 -1.80 5.01
H3' LWM A 6 0.94 -0.57 4.72
H3 LWM A 6 -2.48 2.98 -0.88
H4' LWM A 6 -3.81 1.09 0.76
H5'' LWM A 6 -4.34 1.47 -1.58
H6'' LWM A 6 -2.24 -0.42 1.40
OP1 LWM A 6 -3.83 2.44 -3.77
P1 LWM A 6 -3.48 0.63 -3.67
N1 LWM A 6 2.98 -2.25 2.64
C1 LWM A 6 1.96 -1.47 3.11
N2 LWM A 6 1.76 -1.40 4.42
N3 LWM A 6 1.16 -0.78 2.30
C2 LWM A 6 1.46 -0.92 0.98
C3 LWM A 6 2.47 -1.67 0.43
C4 LWM A 6 3.32 -2.42 1.31
O1 LWM A 6 4.26 -3.15 1.04
N4 LWM A 6 2.53 -1.64 -0.91
C5 LWM A 6 3.62 -1.25 -1.57
O2 LWM A 6 4.65 -0.91 -1.00
N5 LWM A 6 0.65 -0.22 0.18
C1' LWM A 6 -0.46 0.61 0.72
C2' LWM A 6 -0.58 1.97 0.04
OP2 LWM A 6 -3.76 2.09 -3.71
C3' LWM A 6 -2.07 2.30 -0.08
O3' LWM A 6 -2.56 3.31 0.84
C4' LWM A 6 -2.83 0.99 0.16
C5' LWM A 6 -3.70 0.54 -1.01
O5' LWM A 6 -2.93 0.29 -2.20
C6' LWM A 6 -1.79 -0.07 0.48
HN1 LWM A 6 3.57 -2.76 3.29
HN7 LWM A 6 1.71 -1.92 -1.45
HN9 LWM A 6 3.60 -1.25 -2.67
H5 LWM A 6 0.78 -0.24 -0.83
H2' LWM A 6 -0.12 1.92 -0.96
H5' LWM A 6 -4.21 -0.38 -0.73
H6' LWM A 6 -1.69 -0.78 -0.34
H1' LWM A 6 -0.34 0.78 1.79
H2'' LWM A 6 -0.06 2.74 0.62
HN2A LWM A 6 2.29 -1.96 5.05
H3' LWM A 6 1.04 -0.76 4.74
H3 LWM A 6 -2.23 2.63 -1.11
H4' LWM A 6 -3.46 1.16 1.03
H5'' LWM A 6 -4.46 1.31 -1.21
H6'' LWM A 6 -2.08 -0.60 1.39
OP1 LWM A 6 -4.56 -0.33 -4.01
P1 LWM A 6 -4.41 0.31 -3.98
N1 LWM A 6 2.92 -2.24 2.05
C1 LWM A 6 1.91 -1.45 2.54
N2 LWM A 6 1.72 -1.43 3.85
N3 LWM A 6 1.14 -0.72 1.75
C2 LWM A 6 1.43 -0.81 0.44
C3 LWM A 6 2.42 -1.58 -0.14
C4 LWM A 6 3.25 -2.37 0.73
O1 LWM A 6 4.17 -3.12 0.43
N4 LWM A 6 2.51 -1.50 -1.47
C5 LWM A 6 3.59 -1.07 -2.11
O2 LWM A 6 4.60 -0.70 -1.52
N5 LWM A 6 0.64 -0.05 -0.32
C1' LWM A 6 -0.45 0.79 0.24
C2' LWM A 6 -0.43 2.24 -0.21
OP2 LWM A 6 -5.05 1.61 -4.28
C3' LWM A 6 -1.87 2.76 -0.24
O3' LWM A 6 -2.37 3.41 0.94
C4' LWM A 6 -2.72 1.50 -0.53
C5' LWM A 6 -3.21 1.56 -1.98
O5' LWM A 6 -3.87 0.37 -2.44
C6' LWM A 6 -1.82 0.30 -0.21
HN1 LWM A 6 3.48 -2.78 2.69
HN7 LWM A 6 1.69 -1.80 -2.03
HN9 LWM A 6 3.58 -1.04 -3.20
H5 LWM A 6 0.77 -0.04 -1.34
H2' LWM A 6 0.01 2.31 -1.22
H5' LWM A 6 -3.92 2.39 -2.06
H6' LWM A 6 -1.71 -0.36 -1.08
H1' LWM A 6 -0.42 0.79 1.33
H2'' LWM A 6 0.19 2.84 0.46
HN2A LWM A 6 2.23 -2.05 4.46
H3' LWM A 6 1.05 -0.78 4.22
H3 LWM A 6 -1.97 3.46 -1.06
H4' LWM A 6 -3.57 1.48 0.14
H5'' LWM A 6 -2.37 1.76 -2.64
H6'' LWM A 6 -2.23 -0.27 0.62
OP1 LWM A 6 -5.19 -0.94 -4.14
P1 LWM A 6 -1.95 1.87 -4.23
N1 LWM A 6 3.22 -2.42 2.05
C1 LWM A 6 2.19 -1.66 2.56
N2 LWM A 6 2.01 -1.67 3.87
N3 LWM A 6 1.37 -0.95 1.81
C2 LWM A 6 1.63 -1.02 0.48
C3 LWM A 6 2.64 -1.74 -0.13
C4 LWM A 6 3.52 -2.51 0.71
O1 LWM A 6 4.47 -3.22 0.38
N4 LWM A 6 2.69 -1.64 -1.46
C5 LWM A 6 3.75 -1.22 -2.12
O2 LWM A 6 4.79 -0.88 -1.55
N5 LWM A 6 0.79 -0.30 -0.25
C1' LWM A 6 -0.30 0.50 0.38
C2' LWM A 6 -0.27 1.97 -0.04
OP2 LWM A 6 -0.60 2.37 -4.57
C3' LWM A 6 -1.73 2.44 -0.21
O3' LWM A 6 -2.29 3.24 0.84
C4' LWM A 6 -2.55 1.17 -0.44
C5' LWM A 6 -2.99 1.03 -1.91
O5' LWM A 6 -1.86 1.19 -2.77
C6' LWM A 6 -1.67 -0.02 -0.04
HN1 LWM A 6 3.83 -2.93 2.66
HN7 LWM A 6 1.86 -1.91 -2.00
HN9 LWM A 6 3.72 -1.16 -3.20
H5 LWM A 6 0.89 -0.26 -1.27
H2' LWM A 6 0.26 2.06 -0.98
H5' LWM A 6 -3.42 0.04 -2.05
H6' LWM A 6 -1.57 -0.74 -0.86
H1' LWM A 6 -0.23 0.45 1.46
H2'' LWM A 6 0.24 2.57 0.71
HN2A LWM A 6 2.58 -2.24 4.48
H3' LWM A 6 1.29 -1.06 4.24
H3 LWM A 6 -1.76 3.04 -1.13
H4' LWM A 6 -3.43 1.21 0.20
H5'' LWM A 6 -3.75 1.78 -2.11
H6'' LWM A 6 -2.13 -0.52 0.81
OP1 LWM A 6 -3.10 2.79 -4.25
P1 LWM A 6 -2.31 1.41 -4.23
N1 LWM A 6 3.25 -2.43 2.30
C1 LWM A 6 2.24 -1.63 2.74
N2 LWM A 6 2.03 -1.54 4.06
N3 LWM A 6 1.45 -0.94 1.93
C2 LWM A 6 1.74 -1.10 0.62
C3 LWM A 6 2.74 -1.89 0.07
C4 LWM A 6 3.57 -2.63 0.97
O1 LWM A 6 4.51 -3.38 0.70
N4 LWM A 6 2.81 -1.89 -1.26
C5 LWM A 6 3.85 -1.41 -1.93
O2 LWM A 6 4.84 -0.94 -1.36
N5 LWM A 6 0.95 -0.40 -0.18
C1' LWM A 6 -0.15 0.47 0.32
C2' LWM A 6 -0.16 1.83 -0.36
OP2 LWM A 6 -1.01 1.72 -4.83
C3' LWM A 6 -1.58 2.35 -0.32
O3' LWM A 6 -1.74 3.27 0.78
C4' LWM A 6 -2.46 1.07 -0.34
C5' LWM A 6 -3.07 0.85 -1.72
O5' LWM A 6 -2.06 0.88 -2.73
C6' LWM A 6 -1.53 -0.10 0.05
HN1 LWM A 6 3.83 -2.94 2.96
HN7 LWM A 6 2.02 -2.27 -1.79
HN9 LWM A 6 3.84 -1.44 -3.02
H5 LWM A 6 1.08 -0.45 -1.20
H2' LWM A 6 0.17 1.71 -1.40
H5' LWM A 6 -3.60 -0.11 -1.74
H6' LWM A 6 -1.46 -0.83 -0.76
H1' LWM A 6 -0.05 0.63 1.40
H2'' LWM A 6 0.51 2.52 0.15
HN2A LWM A 6 2.58 -2.10 4.69
H3' LWM A 6 1.31 -0.91 4.38
H3 LWM A 6 -1.77 2.91 -1.23
H4' LWM A 6 -3.27 1.14 0.39
H5'' LWM A 6 -3.80 1.64 -1.90
H6'' LWM A 6 -1.92 -0.59 0.94
OP1 LWM A 6 -3.38 2.43 -4.19
P1 LWM A 6 -3.20 0.97 -3.63
N1 LWM A 6 3.01 -2.27 2.63
C1 LWM A 6 1.95 -1.52 3.07
N2 LWM A 6 1.70 -1.49 4.38
N3 LWM A 6 1.17 -0.84 2.26
C2 LWM A 6 1.51 -0.94 0.95
C3 LWM A 6 2.57 -1.66 0.42
C4 LWM A 6 3.40 -2.40 1.32
O1 LWM A 6 4.38 -3.10 1.06
N4 LWM A 6 2.69 -1.59 -0.91
C5 LWM A 6 3.77 -1.10 -1.52
O2 LWM A 6 4.73 -0.67 -0.90
N5 LWM A 6 0.72 -0.24 0.14
C1' LWM A 6 -0.43 0.55 0.64
C2' LWM A 6 -0.59 1.83 -0.15
OP2 LWM A 6 -3.58 2.40 -3.44
C3' LWM A 6 -2.04 2.26 -0.04
O3' LWM A 6 -2.15 3.33 0.93
C4' LWM A 6 -2.82 0.95 0.19
C5' LWM A 6 -3.66 0.54 -1.02
O5' LWM A 6 -2.83 0.36 -2.18
C6' LWM A 6 -1.76 -0.13 0.48
HN1 LWM A 6 3.59 -2.78 3.29
HN7 LWM A 6 1.92 -1.94 -1.49
HN9 LWM A 6 3.78 -1.07 -2.61
H5 LWM A 6 0.89 -0.25 -0.87
H2' LWM A 6 -0.34 1.64 -1.19
H5' LWM A 6 -4.16 -0.40 -0.80
H6' LWM A 6 -1.69 -0.86 -0.33
H1' LWM A 6 -0.31 0.79 1.70
H2'' LWM A 6 0.08 2.61 0.23
HN2A LWM A 6 2.23 -2.07 5.02
H3' LWM A 6 0.97 -0.88 4.70
H3 LWM A 6 -2.34 2.71 -1.00
H4' LWM A 6 -3.48 1.03 1.06
H5'' LWM A 6 -4.41 1.31 -1.19
H6'' LWM A 6 -2.03 -0.65 1.40
OP1 LWM A 6 -4.15 0.05 -4.29
P1 LWM A 6 -1.97 1.55 -4.45
N1 LWM A 6 3.25 -2.40 2.04
C1 LWM A 6 2.22 -1.64 2.52
N2 LWM A 6 2.00 -1.63 3.82
N3 LWM A 6 1.43 -0.92 1.73
C2 LWM A 6 1.75 -1.00 0.41
C3 LWM A 6 2.77 -1.73 -0.16
C4 LWM A 6 3.60 -2.51 0.70
O1 LWM A 6 4.56 -3.23 0.42
N4 LWM A 6 2.85 -1.64 -1.49
C5 LWM A 6 3.91 -1.14 -2.12
O2 LWM A 6 4.89 -0.72 -1.52
N5 LWM A 6 0.93 -0.27 -0.34
C1' LWM A 6 -0.18 0.54 0.23
C2' LWM A 6 -0.23 1.97 -0.29
OP2 LWM A 6 -0.63 1.83 -5.02
C3' LWM A 6 -1.70 2.41 -0.33
O3' LWM A 6 -2.26 3.07 0.82
C4' LWM A 6 -2.46 1.10 -0.56
C5' LWM A 6 -2.90 0.98 -2.02
O5' LWM A 6 -1.79 1.12 -2.92
C6' LWM A 6 -1.54 -0.04 -0.13
HN1 LWM A 6 3.83 -2.93 2.68
HN7 LWM A 6 2.06 -1.98 -2.05
HN9 LWM A 6 3.90 -1.08 -3.21
H5 LWM A 6 1.07 -0.24 -1.36
H2' LWM A 6 0.16 1.97 -1.32
H5' LWM A 6 -3.38 0.01 -2.17
H6' LWM A 6 -1.43 -0.78 -0.92
H1' LWM A 6 -0.08 0.58 1.31
H2'' LWM A 6 0.40 2.62 0.32
HN2A LWM A 6 2.52 -2.22 4.45
H3' LWM A 6 1.28 -1.01 4.16
H3 LWM A 6 -1.83 3.08 -1.18
H4' LWM A 6 -3.34 1.09 0.08
H5'' LWM A 6 -3.63 1.76 -2.22
H6'' LWM A 6 -1.94 -0.53 0.76
OP1 LWM A 6 -3.02 2.59 -4.54
P1 LWM A 6 -3.30 0.91 -3.81
N1 LWM A 6 3.22 -2.34 2.42
C1 LWM A 6 2.17 -1.58 2.86
N2 LWM A 6 1.92 -1.52 4.16
N3 LWM A 6 1.38 -0.90 2.05
C2 LWM A 6 1.70 -1.02 0.73
C3 LWM A 6 2.75 -1.76 0.19
C4 LWM A 6 3.59 -2.49 1.10
O1 LWM A 6 4.57 -3.19 0.84
N4 LWM A 6 2.85 -1.70 -1.13
C5 LWM A 6 3.87 -1.13 -1.75
O2 LWM A 6 4.80 -0.61 -1.15
N5 LWM A 6 0.90 -0.33 -0.07
C1' LWM A 6 -0.23 0.48 0.46
C2' LWM A 6 -0.35 1.81 -0.27
OP2 LWM A 6 -3.57 2.36 -3.83
C3' LWM A 6 -1.79 2.27 -0.13
O3' LWM A 6 -1.86 3.30 0.90
C4' LWM A 6 -2.61 0.98 0.06
C5' LWM A 6 -3.48 0.68 -1.17
O5' LWM A 6 -2.69 0.54 -2.36
C6' LWM A 6 -1.59 -0.16 0.26
HN1 LWM A 6 3.80 -2.83 3.08
HN7 LWM A 6 2.10 -2.13 -1.69
HN9 LWM A 6 3.90 -1.12 -2.85
H5 LWM A 6 1.05 -0.34 -1.09
H2' LWM A 6 -0.13 1.66 -1.32
H5' LWM A 6 -4.03 -0.25 -1.00
H6' LWM A 6 -1.57 -0.83 -0.60
H1' LWM A 6 -0.09 0.68 1.52
H2'' LWM A 6 0.34 2.53 0.17
HN2A LWM A 6 2.45 -2.09 4.81
H3' LWM A 6 1.19 -0.91 4.47
H3 LWM A 6 -2.08 2.74 -1.07
H4' LWM A 6 -3.24 1.05 0.95
H5'' LWM A 6 -4.20 1.49 -1.28
H6'' LWM A 6 -1.85 -0.73 1.15
OP1 LWM A 6 -4.39 -0.04 -4.12
P1 LWM A 6 -2.73 1.54 -3.94
N1 LWM A 6 2.70 -2.03 2.42
C1 LWM A 6 1.69 -1.24 2.89
N2 LWM A 6 1.51 -1.15 4.20
N3 LWM A 6 0.90 -0.53 2.10
C2 LWM A 6 1.17 -0.67 0.78
C3 LWM A 6 2.16 -1.45 0.21
C4 LWM A 6 3.00 -2.20 1.09
O1 LWM A 6 3.93 -2.96 0.80
N4 LWM A 6 2.22 -1.42 -1.12
C5 LWM A 6 3.29 -1.02 -1.79
O2 LWM A 6 4.31 -0.65 -1.22
N5 LWM A 6 0.34 0.05 0.02
C1' LWM A 6 -0.73 0.90 0.61
C2' LWM A 6 -0.86 2.26 -0.04
OP2 LWM A 6 -1.39 1.89 -4.46
C3' LWM A 6 -2.35 2.64 -0.07
O3' LWM A 6 -2.87 3.47 0.99
C4' LWM A 6 -3.09 1.29 -0.08
C5' LWM A 6 -3.63 0.97 -1.47
O5' LWM A 6 -2.55 1.04 -2.42
C6' LWM A 6 -2.09 0.24 0.39
HN1 LWM A 6 3.28 -2.55 3.07
HN7 LWM A 6 1.39 -1.73 -1.66
HN9 LWM A 6 3.27 -1.02 -2.89
H5 LWM A 6 0.44 0.04 -1.00
H2' LWM A 6 -0.49 2.23 -1.07
H5' LWM A 6 -4.09 -0.01 -1.49
H6' LWM A 6 -1.98 -0.55 -0.36
H1' LWM A 6 -0.57 1.03 1.67
H2'' LWM A 6 -0.27 3.00 0.51
HN2A LWM A 6 2.03 -1.75 4.83
H3' LWM A 6 0.83 -0.49 4.53
H3 LWM A 6 -2.54 3.17 -0.99
H4' LWM A 6 -3.92 1.33 0.63
H5'' LWM A 6 -4.39 1.72 -1.72
H6'' LWM A 6 -2.41 -0.21 1.33
OP1 LWM A 6 -3.83 2.52 -3.98
P1 LWM A 6 -3.40 0.65 -3.24
N1 LWM A 6 2.87 -2.10 3.01
C1 LWM A 6 1.79 -1.38 3.47
N2 LWM A 6 1.56 -1.35 4.77
N3 LWM A 6 0.99 -0.71 2.66
C2 LWM A 6 1.32 -0.79 1.35
C3 LWM A 6 2.39 -1.47 0.80
C4 LWM A 6 3.24 -2.20 1.69
O1 LWM A 6 4.23 -2.89 1.42
N4 LWM A 6 2.50 -1.38 -0.53
C5 LWM A 6 3.62 -1.03 -1.15
O2 LWM A 6 4.65 -0.76 -0.54
N5 LWM A 6 0.50 -0.09 0.56
C1' LWM A 6 -0.66 0.65 1.13
C2' LWM A 6 -0.94 1.99 0.44
OP2 LWM A 6 -3.62 2.10 -3.12
C3' LWM A 6 -2.46 2.16 0.36
O3' LWM A 6 -3.08 3.05 1.32
C4' LWM A 6 -3.06 0.78 0.56
C5' LWM A 6 -3.82 0.23 -0.65
O5' LWM A 6 -2.97 0.10 -1.79
C6' LWM A 6 -1.92 -0.16 0.93
HN1 LWM A 6 3.46 -2.60 3.66
HN7 LWM A 6 1.67 -1.60 -1.11
HN9 LWM A 6 3.63 -0.98 -2.24
H5 LWM A 6 0.65 -0.05 -0.46
H2' LWM A 6 -0.50 1.99 -0.56
H5' LWM A 6 -4.22 -0.75 -0.39
H6' LWM A 6 -1.75 -0.89 0.14
H1' LWM A 6 -0.53 0.82 2.19
H2'' LWM A 6 -0.47 2.78 1.02
HN2A LWM A 6 2.10 -1.93 5.39
H3' LWM A 6 0.83 -0.74 5.11
H3 LWM A 6 -2.71 2.53 -0.63
H4' LWM A 6 -3.74 0.84 1.42
H5'' LWM A 6 -4.65 0.90 -0.87
H6'' LWM A 6 -2.14 -0.67 1.86
OP1 LWM A 6 -4.47 -0.21 -3.77
P1 LWM A 6 -2.65 1.67 -3.78
N1 LWM A 6 2.65 -1.89 2.69
C1 LWM A 6 1.64 -1.11 3.17
N2 LWM A 6 1.45 -1.04 4.48
N3 LWM A 6 0.83 -0.41 2.38
C2 LWM A 6 1.12 -0.53 1.06
C3 LWM A 6 2.12 -1.29 0.48
C4 LWM A 6 2.97 -2.04 1.35
O1 LWM A 6 3.91 -2.78 1.07
N4 LWM A 6 2.18 -1.23 -0.85
C5 LWM A 6 3.28 -0.90 -1.52
O2 LWM A 6 4.33 -0.62 -0.95
N5 LWM A 6 0.30 0.20 0.29
C1' LWM A 6 -0.80 1.02 0.87
C2' LWM A 6 -0.92 2.40 0.25
OP2 LWM A 6 -1.32 1.99 -4.35
C3' LWM A 6 -2.41 2.76 0.22
O3' LWM A 6 -2.95 3.50 1.33
C4' LWM A 6 -3.13 1.40 0.11
C5' LWM A 6 -3.55 1.11 -1.33
O5' LWM A 6 -2.45 1.25 -2.24
C6' LWM A 6 -2.15 0.35 0.63
HN1 LWM A 6 3.23 -2.40 3.33
HN7 LWM A 6 1.33 -1.45 -1.40
HN9 LWM A 6 3.25 -0.87 -2.60
H5 LWM A 6 0.41 0.20 -0.73
H2' LWM A 6 -0.52 2.38 -0.77
H5' LWM A 6 -3.94 0.09 -1.39
H6' LWM A 6 -2.03 -0.46 -0.08
H1' LWM A 6 -0.64 1.14 1.94
H2'' LWM A 6 -0.34 3.12 0.83
HN2A LWM A 6 1.99 -1.63 5.10
H3' LWM A 6 0.76 -0.39 4.82
H3 LWM A 6 -2.61 3.36 -0.67
H4' LWM A 6 -4.01 1.42 0.74
H5'' LWM A 6 -4.35 1.79 -1.61
H6'' LWM A 6 -2.52 -0.05 1.58
OP1 LWM A 6 -3.75 2.66 -3.87
P1 LWM A 6 -2.40 1.59 -3.85
N1 LWM A 6 2.99 -2.08 2.47
C1 LWM A 6 1.95 -1.34 2.94
N2 LWM A 6 1.74 -1.30 4.24
N3 LWM A 6 1.15 -0.65 2.15
C2 LWM A 6 1.44 -0.74 0.84
C3 LWM A 6 2.47 -1.46 0.26
C4 LWM A 6 3.34 -2.21 1.13
O1 LWM A 6 4.29 -2.92 0.85
N4 LWM A 6 2.56 -1.39 -1.07
C5 LWM A 6 3.61 -0.90 -1.71
O2 LWM A 6 4.59 -0.47 -1.12
N5 LWM A 6 0.61 -0.03 0.08
C1' LWM A 6 -0.52 0.77 0.65
C2' LWM A 6 -0.63 2.17 0.06
OP2 LWM A 6 -1.03 2.03 -4.17
C3' LWM A 6 -2.13 2.52 -0.04
O3' LWM A 6 -2.72 3.34 0.98
C4' LWM A 6 -2.86 1.17 -0.07
C5' LWM A 6 -3.42 0.89 -1.46
O5' LWM A 6 -2.36 0.85 -2.41
C6' LWM A 6 -1.84 0.10 0.35
HN1 LWM A 6 3.58 -2.60 3.10
HN7 LWM A 6 1.75 -1.75 -1.62
HN9 LWM A 6 3.59 -0.88 -2.80
H5 LWM A 6 0.73 -0.01 -0.95
H2' LWM A 6 -0.22 2.17 -0.95
H5' LWM A 6 -3.94 -0.08 -1.46
H6' LWM A 6 -1.70 -0.63 -0.45
H1' LWM A 6 -0.41 0.85 1.74
H2'' LWM A 6 -0.09 2.90 0.66
HN2A LWM A 6 2.30 -1.86 4.88
H3' LWM A 6 1.02 -0.68 4.59
H3 LWM A 6 -2.27 3.06 -0.97
H4' LWM A 6 -3.68 1.18 0.66
H5'' LWM A 6 -4.14 1.67 -1.71
H6'' LWM A 6 -2.20 -0.41 1.25
OP1 LWM A 6 -3.51 2.57 -3.86
P1 LWM A 6 -2.36 1.59 -4.13
N1 LWM A 6 2.95 -2.17 2.36
C1 LWM A 6 1.91 -1.43 2.85
N2 LWM A 6 1.71 -1.41 4.16
N3 LWM A 6 1.11 -0.71 2.07
C2 LWM A 6 1.40 -0.78 0.74
C3 LWM A 6 2.43 -1.51 0.17
C4 LWM A 6 3.28 -2.28 1.02
O1 LWM A 6 4.24 -3.00 0.72
N4 LWM A 6 2.51 -1.41 -1.16
C5 LWM A 6 3.61 -1.01 -1.81
O2 LWM A 6 4.63 -0.70 -1.21
N5 LWM A 6 0.58 -0.04 0.01
C1' LWM A 6 -0.53 0.75 0.59
C2' LWM A 6 -0.66 2.18 0.09
OP2 LWM A 6 -1.03 1.96 -4.66
C3' LWM A 6 -2.15 2.50 -0.10
O3' LWM A 6 -2.82 3.19 0.99
C4' LWM A 6 -2.83 1.14 -0.28
C5' LWM A 6 -3.25 0.88 -1.72
O5' LWM A 6 -2.16 1.06 -2.63
C6' LWM A 6 -1.86 0.08 0.23
HN1 LWM A 6 3.54 -2.70 2.98
HN7 LWM A 6 1.69 -1.67 -1.73
HN9 LWM A 6 3.60 -0.97 -2.89
H5 LWM A 6 0.70 -0.01 -1.02
H2' LWM A 6 -0.09 2.31 -0.84
H5' LWM A 6 -3.63 -0.14 -1.81
H6' LWM A 6 -1.66 -0.68 -0.53
H1' LWM A 6 -0.45 0.78 1.68
H2'' LWM A 6 -0.22 2.87 0.82
HN2A LWM A 6 2.24 -2.01 4.77
H3' LWM A 6 1.00 -0.77 4.51
H3 LWM A 6 -2.25 3.08 -1.01
H4' LWM A 6 -3.71 1.12 0.36
H5'' LWM A 6 -4.07 1.56 -1.97
H6'' LWM A 6 -2.25 -0.41 1.12
OP1 LWM A 6 -3.46 2.57 -4.14
P1 LWM A 6 -4.87 0.19 -3.71
N1 LWM A 6 2.92 -2.12 2.06
C1 LWM A 6 1.94 -1.32 2.54
N2 LWM A 6 1.77 -1.23 3.85
N3 LWM A 6 1.13 -0.61 1.76
C2 LWM A 6 1.37 -0.76 0.44
C3 LWM A 6 2.35 -1.55 -0.14
C4 LWM A 6 3.21 -2.30 0.72
O1 LWM A 6 4.14 -3.05 0.42
N4 LWM A 6 2.39 -1.53 -1.47
C5 LWM A 6 3.37 -0.99 -2.18
O2 LWM A 6 4.34 -0.45 -1.64
N5 LWM A 6 0.54 -0.04 -0.32
C1' LWM A 6 -0.53 0.82 0.26
C2' LWM A 6 -0.51 2.26 -0.24
OP2 LWM A 6 -5.58 1.49 -3.77
C3' LWM A 6 -1.96 2.74 -0.38
O3' LWM A 6 -2.59 3.39 0.74
C4' LWM A 6 -2.75 1.47 -0.67
C5' LWM A 6 -3.09 1.36 -2.16
O5' LWM A 6 -3.88 0.20 -2.45
C6' LWM A 6 -1.91 0.30 -0.15
HN1 LWM A 6 3.53 -2.63 2.69
HN7 LWM A 6 1.60 -1.97 -1.97
HN9 LWM A 6 3.32 -1.01 -3.27
H5 LWM A 6 0.63 -0.07 -1.34
H2' LWM A 6 -0.04 2.29 -1.22
H5' LWM A 6 -3.65 2.25 -2.44
H6' LWM A 6 -1.80 -0.47 -0.90
H1' LWM A 6 -0.46 0.84 1.35
H2'' LWM A 6 0.06 2.91 0.43
HN2A LWM A 6 2.34 -1.80 4.48
H3' LWM A 6 1.08 -0.59 4.21
H3 LWM A 6 -2.02 3.44 -1.21
H4' LWM A 6 -3.69 1.48 -0.12
H5'' LWM A 6 -2.17 1.33 -2.74
H6'' LWM A 6 -2.37 -0.12 0.75
OP1 LWM A 6 -5.66 -1.06 -3.68
P1 LWM A 6 -1.99 1.26 -4.09
N1 LWM A 6 3.03 -2.37 1.84
C1 LWM A 6 2.02 -1.57 2.31
N2 LWM A 6 1.83 -1.51 3.62
N3 LWM A 6 1.26 -0.84 1.51
C2 LWM A 6 1.55 -0.96 0.20
C3 LWM A 6 2.54 -1.75 -0.38
C4 LWM A 6 3.36 -2.53 0.51
O1 LWM A 6 4.28 -3.28 0.23
N4 LWM A 6 2.62 -1.70 -1.71
C5 LWM A 6 3.73 -1.38 -2.36
O2 LWM A 6 4.78 -1.12 -1.78
N5 LWM A 6 0.77 -0.22 -0.59
C1' LWM A 6 -0.32 0.65 -0.05
C2' LWM A 6 -0.26 2.06 -0.61
OP2 LWM A 6 -0.75 0.95 -3.33
C3' LWM A 6 -1.67 2.59 -0.69
O3' LWM A 6 -1.92 3.59 0.32
C4' LWM A 6 -2.59 1.36 -0.64
C5' LWM A 6 -3.55 1.20 -1.85
O5' LWM A 6 -3.09 1.85 -3.06
C6' LWM A 6 -1.68 0.14 -0.48
HN1 LWM A 6 3.59 -2.90 2.49
HN7 LWM A 6 1.77 -1.90 -2.26
HN9 LWM A 6 3.70 -1.36 -3.45
H5 LWM A 6 0.89 -0.22 -1.61
H2' LWM A 6 0.18 2.03 -1.61
H5' LWM A 6 -3.71 0.15 -2.04
H6' LWM A 6 -1.60 -0.42 -1.40
H1' LWM A 6 -0.27 0.69 1.03
H2'' LWM A 6 0.36 2.70 0.03
HN2A LWM A 6 2.34 -2.09 4.25
H3' LWM A 6 1.13 -0.86 3.95
H3 LWM A 6 -1.79 3.06 -1.67
H4' LWM A 6 -3.20 1.46 0.26
H5'' LWM A 6 -4.51 1.63 -1.58
H6'' LWM A 6 -2.05 -0.49 0.32
OP1 LWM A 6 -1.92 2.14 -5.26
P1 LWM A 6 -2.39 1.45 -4.21
N1 LWM A 6 3.04 -2.20 2.14
C1 LWM A 6 1.99 -1.47 2.62
N2 LWM A 6 1.79 -1.43 3.93
N3 LWM A 6 1.16 -0.81 1.83
C2 LWM A 6 1.45 -0.91 0.52
C3 LWM A 6 2.49 -1.63 -0.07
C4 LWM A 6 3.37 -2.35 0.81
O1 LWM A 6 4.34 -3.04 0.52
N4 LWM A 6 2.55 -1.57 -1.40
C5 LWM A 6 3.59 -1.09 -2.06
O2 LWM A 6 4.58 -0.63 -1.48
N5 LWM A 6 0.60 -0.23 -0.25
C1' LWM A 6 -0.54 0.55 0.31
C2' LWM A 6 -0.66 1.95 -0.29
OP2 LWM A 6 -1.02 1.81 -4.64
C3' LWM A 6 -2.15 2.32 -0.31
O3' LWM A 6 -2.68 3.08 0.79
C4' LWM A 6 -2.88 0.97 -0.40
C5' LWM A 6 -3.39 0.73 -1.83
O5' LWM A 6 -2.30 0.78 -2.75
C6' LWM A 6 -1.87 -0.11 0.02
HN1 LWM A 6 3.65 -2.70 2.78
HN7 LWM A 6 1.74 -1.94 -1.93
HN9 LWM A 6 3.56 -1.07 -3.15
H5 LWM A 6 0.71 -0.23 -1.28
H2' LWM A 6 -0.28 1.92 -1.31
H5' LWM A 6 -3.89 -0.24 -1.88
H6' LWM A 6 -1.74 -0.85 -0.77
H1' LWM A 6 -0.42 0.65 1.40
H2'' LWM A 6 -0.07 2.66 0.28
HN2A LWM A 6 2.36 -1.98 4.55
H3' LWM A 6 1.07 -0.81 4.28
H3 LWM A 6 -2.32 2.91 -1.21
H4' LWM A 6 -3.72 0.97 0.29
H5'' LWM A 6 -4.12 1.51 -2.06
H6'' LWM A 6 -2.22 -0.61 0.92
OP1 LWM A 6 -3.46 2.49 -4.19
P1 LWM A 6 -3.34 0.64 -3.96
N1 LWM A 6 2.96 -2.25 2.33
C1 LWM A 6 1.90 -1.53 2.80
N2 LWM A 6 1.70 -1.45 4.12
N3 LWM A 6 1.05 -0.90 2.00
C2 LWM A 6 1.32 -1.02 0.68
C3 LWM A 6 2.38 -1.72 0.12
C4 LWM A 6 3.28 -2.40 1.00
O1 LWM A 6 4.26 -3.08 0.73
N4 LWM A 6 2.43 -1.69 -1.21
C5 LWM A 6 3.50 -1.30 -1.90
O2 LWM A 6 4.53 -0.93 -1.34
N5 LWM A 6 0.47 -0.38 -0.09
C1' LWM A 6 -0.69 0.38 0.46
C2' LWM A 6 -0.90 1.71 -0.24
OP2 LWM A 6 -3.56 2.10 -3.83
C3' LWM A 6 -2.41 2.00 -0.25
O3' LWM A 6 -2.94 2.87 0.78
C4' LWM A 6 -3.08 0.62 -0.11
C5' LWM A 6 -3.82 0.18 -1.38
O5' LWM A 6 -2.94 0.06 -2.51
C6' LWM A 6 -1.98 -0.38 0.25
HN1 LWM A 6 3.58 -2.71 2.98
HN7 LWM A 6 1.60 -1.99 -1.75
HN9 LWM A 6 3.47 -1.29 -2.98
H5 LWM A 6 0.56 -0.40 -1.12
H2' LWM A 6 -0.54 1.65 -1.26
H5' LWM A 6 -4.28 -0.79 -1.18
H6' LWM A 6 -1.84 -1.11 -0.55
H1' LWM A 6 -0.55 0.55 1.53
H2'' LWM A 6 -0.34 2.49 0.29
HN2A LWM A 6 2.27 -1.99 4.75
H3' LWM A 6 0.97 -0.84 4.44
H3 LWM A 6 -2.66 2.44 -1.21
H4' LWM A 6 -3.78 0.67 0.72
H5'' LWM A 6 -4.63 0.89 -1.58
H6'' LWM A 6 -2.24 -0.89 1.18
OP1 LWM A 6 -4.43 -0.21 -4.52
P1 LWM A 6 -3.35 0.88 -3.83
N1 LWM A 6 2.96 -2.25 2.54
C1 LWM A 6 1.92 -1.49 3.02
N2 LWM A 6 1.72 -1.45 4.32
N3 LWM A 6 1.11 -0.81 2.21
C2 LWM A 6 1.41 -0.92 0.90
C3 LWM A 6 2.44 -1.65 0.33
C4 LWM A 6 3.30 -2.38 1.21
O1 LWM A 6 4.26 -3.09 0.93
N4 LWM A 6 2.51 -1.59 -1.00
C5 LWM A 6 3.60 -1.20 -1.66
O2 LWM A 6 4.62 -0.85 -1.09
N5 LWM A 6 0.59 -0.23 0.11
C1' LWM A 6 -0.53 0.58 0.65
C2' LWM A 6 -0.68 1.93 -0.04
OP2 LWM A 6 -3.44 2.36 -3.83
C3' LWM A 6 -2.18 2.28 -0.05
O3' LWM A 6 -2.65 3.12 1.02
C4' LWM A 6 -2.92 0.95 0.06
C5' LWM A 6 -3.72 0.57 -1.19
O5' LWM A 6 -2.87 0.43 -2.34
C6' LWM A 6 -1.86 -0.11 0.40
HN1 LWM A 6 3.56 -2.75 3.18
HN7 LWM A 6 1.69 -1.87 -1.55
HN9 LWM A 6 3.56 -1.17 -2.75
H5 LWM A 6 0.71 -0.23 -0.91
H2' LWM A 6 -0.30 1.86 -1.06
H5' LWM A 6 -4.21 -0.40 -1.01
H6' LWM A 6 -1.75 -0.85 -0.41
H1' LWM A 6 -0.42 0.76 1.72
H2'' LWM A 6 -0.10 2.68 0.48
HN2A LWM A 6 2.25 -2.02 4.95
H3' LWM A 6 1.01 -0.81 4.67
H3 LWM A 6 -2.40 2.77 -0.99
H4' LWM A 6 -3.62 1.02 0.90
H5'' LWM A 6 -4.49 1.31 -1.36
H6'' LWM A 6 -2.16 -0.62 1.32
OP1 LWM A 6 -4.53 0.07 -4.20
P1 LWM A 6 -3.45 0.72 -3.78
N1 LWM A 6 2.98 -2.23 2.56
C1 LWM A 6 1.93 -1.48 3.02
N2 LWM A 6 1.72 -1.41 4.32
N3 LWM A 6 1.12 -0.81 2.21
C2 LWM A 6 1.42 -0.94 0.89
C3 LWM A 6 2.46 -1.67 0.34
C4 LWM A 6 3.32 -2.39 1.24
O1 LWM A 6 4.28 -3.11 0.96
N4 LWM A 6 2.54 -1.63 -0.99
C5 LWM A 6 3.61 -1.23 -1.65
O2 LWM A 6 4.64 -0.85 -1.08
N5 LWM A 6 0.59 -0.25 0.11
C1' LWM A 6 -0.53 0.55 0.66
C2' LWM A 6 -0.71 1.91 0.01
OP2 LWM A 6 -3.63 2.19 -3.74
C3' LWM A 6 -2.21 2.20 -0.11
O3' LWM A 6 -2.78 3.10 0.86
C4' LWM A 6 -2.92 0.84 0.06
C5' LWM A 6 -3.75 0.42 -1.15
O5' LWM A 6 -2.94 0.25 -2.32
C6' LWM A 6 -1.83 -0.18 0.40
HN1 LWM A 6 3.57 -2.73 3.21
HN7 LWM A 6 1.73 -1.94 -1.55
HN9 LWM A 6 3.60 -1.22 -2.73
H5 LWM A 6 0.71 -0.25 -0.91
H2' LWM A 6 -0.25 1.91 -0.99
H5' LWM A 6 -4.24 -0.53 -0.92
H6' LWM A 6 -1.69 -0.89 -0.41
H1' LWM A 6 -0.42 0.70 1.73
H2'' LWM A 6 -0.22 2.68 0.60
HN2A LWM A 6 2.26 -1.97 4.97
H3' LWM A 6 1.00 -0.77 4.64
H3 LWM A 6 -2.41 2.60 -1.10
H4' LWM A 6 -3.58 0.92 0.93
H5'' LWM A 6 -4.53 1.17 -1.31
H6'' LWM A 6 -2.11 -0.72 1.31
OP1 LWM A 6 -4.59 -0.15 -4.18
P1 LWM A 6 -2.61 1.70 -3.76
N1 LWM A 6 2.80 -2.02 2.60
C1 LWM A 6 1.79 -1.22 3.07
N2 LWM A 6 1.58 -1.16 4.37
N3 LWM A 6 1.01 -0.51 2.26
C2 LWM A 6 1.31 -0.63 0.95
C3 LWM A 6 2.31 -1.41 0.39
C4 LWM A 6 3.13 -2.18 1.27
O1 LWM A 6 4.07 -2.93 1.00
N4 LWM A 6 2.39 -1.36 -0.94
C5 LWM A 6 3.45 -0.87 -1.58
O2 LWM A 6 4.43 -0.44 -0.99
N5 LWM A 6 0.52 0.09 0.18
C1' LWM A 6 -0.58 0.94 0.73
C2' LWM A 6 -0.62 2.29 0.04
OP2 LWM A 6 -1.26 2.06 -4.26
C3' LWM A 6 -2.05 2.78 0.04
O3' LWM A 6 -2.21 3.85 0.99
C4' LWM A 6 -2.91 1.50 0.12
C5' LWM A 6 -3.51 1.20 -1.27
O5' LWM A 6 -2.46 1.16 -2.25
C6' LWM A 6 -1.95 0.35 0.50
HN1 LWM A 6 3.37 -2.56 3.25
HN7 LWM A 6 1.59 -1.71 -1.50
HN9 LWM A 6 3.44 -0.86 -2.68
H5 LWM A 6 0.64 0.08 -0.85
H2' LWM A 6 -0.29 2.18 -0.99
H5' LWM A 6 -4.02 0.23 -1.25
H6' LWM A 6 -1.90 -0.40 -0.29
H1' LWM A 6 -0.43 1.10 1.80
H2'' LWM A 6 0.04 3.00 0.55
HN2A LWM A 6 2.10 -1.76 5.01
H3' LWM A 6 0.88 -0.51 4.71
H3 LWM A 6 -2.22 3.27 -0.91
H4' LWM A 6 -3.71 1.60 0.86
H5'' LWM A 6 -4.24 1.97 -1.53
H6'' LWM A 6 -2.30 -0.12 1.42
OP1 LWM A 6 -3.70 2.70 -3.81
P1 LWM A 6 -2.27 1.49 -4.37
N1 LWM A 6 3.06 -2.29 2.22
C1 LWM A 6 2.02 -1.54 2.70
N2 LWM A 6 1.83 -1.52 4.01
N3 LWM A 6 1.21 -0.86 1.91
C2 LWM A 6 1.50 -0.95 0.59
C3 LWM A 6 2.53 -1.68 0.01
C4 LWM A 6 3.40 -2.43 0.89
O1 LWM A 6 4.35 -3.13 0.60
N4 LWM A 6 2.60 -1.61 -1.31
C5 LWM A 6 3.69 -1.25 -1.98
O2 LWM A 6 4.73 -0.95 -1.41
N5 LWM A 6 0.67 -0.24 -0.18
C1' LWM A 6 -0.45 0.56 0.37
C2' LWM A 6 -0.52 1.96 -0.21
OP2 LWM A 6 -0.94 1.76 -4.96
C3' LWM A 6 -2.00 2.37 -0.24
O3' LWM A 6 -2.53 3.03 0.94
C4' LWM A 6 -2.73 1.05 -0.45
C5' LWM A 6 -3.15 0.86 -1.93
O5' LWM A 6 -2.04 1.06 -2.82
C6' LWM A 6 -1.79 -0.06 0.03
HN1 LWM A 6 3.66 -2.80 2.85
HN7 LWM A 6 1.76 -1.86 -1.85
HN9 LWM A 6 3.67 -1.23 -3.06
H5 LWM A 6 0.80 -0.24 -1.20
H2' LWM A 6 -0.14 1.94 -1.23
H5' LWM A 6 -3.56 -0.13 -2.06
H6' LWM A 6 -1.66 -0.83 -0.72
H1' LWM A 6 -0.36 0.63 1.45
H2'' LWM A 6 0.10 2.65 0.36
HN2A LWM A 6 2.39 -2.08 4.63
H3' LWM A 6 1.12 -0.90 4.37
H3 LWM A 6 -2.17 3.04 -1.08
H4' LWM A 6 -3.63 1.04 0.16
H5'' LWM A 6 -3.92 1.60 -2.15
H6'' LWM A 6 -2.20 -0.51 0.94
OP1 LWM A 6 -3.31 2.53 -4.41
#